data_2LBL
#
_entry.id   2LBL
#
_entity_poly.entity_id   1
_entity_poly.type   'polyribonucleotide'
_entity_poly.pdbx_seq_one_letter_code
;GGGACCUUCCAAGUCUC
;
_entity_poly.pdbx_strand_id   A
#